data_1LOO
#
_entry.id   1LOO
#
_cell.length_a   69.935
_cell.length_b   69.935
_cell.length_c   198.090
_cell.angle_alpha   90.00
_cell.angle_beta   90.00
_cell.angle_gamma   90.00
#
_symmetry.space_group_name_H-M   'P 43 21 2'
#
loop_
_entity.id
_entity.type
_entity.pdbx_description
1 polymer 'adenylosuccinate synthetase'
2 non-polymer "GUANOSINE-5'-TRIPHOSPHATE"
3 water water
#
_entity_poly.entity_id   1
_entity_poly.type   'polypeptide(L)'
_entity_poly.pdbx_seq_one_letter_code
;MSGTRASNDRPPGTGGVKRGRLQQEAAATGSRVTVVLGAQWGDEGKGKVVDLLATDADIVSRCQGGNNAGHTVVVDGKEY
DFHLLPSGIINTKAVSFIGNGVVIHLPGLFEEAEKNEKKGLKDWEKRLIISDRAHLVFDFHQAVDGLQEVQRQAQEGKNI
GTTKKGIGPTYSSKAARTGLRICDLLSDFDEFSARFKNLAHQHQSMFPTLEIDVEGQLKRLKGFAERIRPMVRDGVYFMY
EALHGPPKKVLVEGANAALLDIDFGTYPFVTSSNCTVGGVCTGLGIPPQNIGDVYGVVKAYTTRVGIGAFPTEQINEIGD
LLQNRGHEWGVTTGRKRRCGWLDLMILRYAHMVNGFTALALTKLDILDVLSEIKVGISYKLNGKRIPYFPANQEILQKVE
VEYETLPGWKADTTGARKWEDLPPQAQSYVRFVENHMGVAVKWVGVGKSRESMIQLF
;
_entity_poly.pdbx_strand_id   A
#
loop_
_chem_comp.id
_chem_comp.type
_chem_comp.name
_chem_comp.formula
GTP non-polymer GUANOSINE-5'-TRIPHOSPHATE 'C10 H16 N5 O14 P3'
#
# COMPACT_ATOMS: atom_id res chain seq x y z
N ALA A 27 24.71 -4.43 -19.69
CA ALA A 27 24.56 -5.21 -18.42
C ALA A 27 23.61 -6.38 -18.66
N ALA A 28 23.95 -7.52 -18.05
CA ALA A 28 23.12 -8.71 -18.18
C ALA A 28 21.85 -8.54 -17.34
N THR A 29 21.96 -7.71 -16.32
CA THR A 29 20.85 -7.43 -15.41
C THR A 29 19.63 -6.89 -16.15
N GLY A 30 19.86 -5.87 -16.98
CA GLY A 30 18.75 -5.26 -17.70
C GLY A 30 18.24 -4.11 -16.85
N SER A 31 17.04 -3.62 -17.15
CA SER A 31 16.45 -2.51 -16.40
C SER A 31 16.09 -2.89 -14.97
N ARG A 32 16.25 -1.95 -14.03
CA ARG A 32 15.91 -2.18 -12.63
C ARG A 32 14.65 -1.35 -12.31
N VAL A 33 13.68 -1.99 -11.67
CA VAL A 33 12.45 -1.31 -11.32
C VAL A 33 12.62 -0.30 -10.18
N THR A 34 11.77 0.72 -10.19
CA THR A 34 11.76 1.76 -9.17
C THR A 34 10.56 1.43 -8.29
N VAL A 35 10.76 1.44 -6.98
CA VAL A 35 9.70 1.09 -6.04
C VAL A 35 9.37 2.17 -5.03
N VAL A 36 8.08 2.32 -4.74
CA VAL A 36 7.61 3.28 -3.77
C VAL A 36 6.85 2.51 -2.69
N LEU A 37 7.39 2.55 -1.45
CA LEU A 37 6.80 1.84 -0.32
C LEU A 37 6.47 2.75 0.87
N GLY A 38 5.42 2.40 1.61
CA GLY A 38 5.06 3.16 2.80
C GLY A 38 6.01 2.71 3.90
N ALA A 39 6.55 3.65 4.68
CA ALA A 39 7.50 3.30 5.73
C ALA A 39 6.92 3.19 7.14
N GLN A 40 5.67 3.57 7.31
CA GLN A 40 5.04 3.54 8.63
C GLN A 40 3.78 2.67 8.66
N TRP A 41 2.64 3.25 9.01
CA TRP A 41 1.38 2.50 9.06
C TRP A 41 0.40 2.89 7.95
N GLY A 42 0.91 3.43 6.86
CA GLY A 42 0.04 3.82 5.76
C GLY A 42 -0.36 5.28 5.80
N ASP A 43 -0.99 5.74 4.73
CA ASP A 43 -1.46 7.12 4.63
C ASP A 43 -0.28 8.10 4.72
N GLU A 44 0.90 7.64 4.30
CA GLU A 44 2.09 8.48 4.34
C GLU A 44 2.10 9.51 3.22
N GLY A 45 1.49 9.15 2.10
CA GLY A 45 1.45 10.04 0.95
C GLY A 45 2.13 9.40 -0.24
N LYS A 46 2.09 8.07 -0.32
CA LYS A 46 2.70 7.33 -1.42
C LYS A 46 2.14 7.74 -2.77
N GLY A 47 0.81 7.86 -2.83
CA GLY A 47 0.16 8.24 -4.06
C GLY A 47 0.72 9.48 -4.70
N LYS A 48 1.18 10.42 -3.88
CA LYS A 48 1.74 11.64 -4.43
C LYS A 48 3.08 11.34 -5.07
N VAL A 49 3.85 10.46 -4.43
CA VAL A 49 5.16 10.12 -4.96
C VAL A 49 5.01 9.28 -6.23
N VAL A 50 4.00 8.41 -6.25
CA VAL A 50 3.77 7.57 -7.42
C VAL A 50 3.34 8.40 -8.63
N ASP A 51 2.31 9.25 -8.45
CA ASP A 51 1.81 10.10 -9.52
C ASP A 51 2.92 10.95 -10.14
N LEU A 52 3.83 11.44 -9.29
CA LEU A 52 4.95 12.25 -9.75
C LEU A 52 5.90 11.44 -10.62
N LEU A 53 6.05 10.16 -10.29
CA LEU A 53 6.95 9.29 -11.03
C LEU A 53 6.31 8.58 -12.22
N ALA A 54 4.99 8.38 -12.16
CA ALA A 54 4.27 7.70 -13.22
C ALA A 54 4.29 8.47 -14.53
N THR A 55 4.65 9.75 -14.44
CA THR A 55 4.71 10.62 -15.62
C THR A 55 5.54 10.05 -16.77
N ASP A 56 6.82 9.75 -16.50
CA ASP A 56 7.70 9.22 -17.54
C ASP A 56 8.02 7.74 -17.43
N ALA A 57 7.11 6.97 -16.85
CA ALA A 57 7.32 5.54 -16.70
C ALA A 57 6.68 4.78 -17.86
N ASP A 58 7.39 3.79 -18.38
CA ASP A 58 6.88 2.99 -19.48
C ASP A 58 5.86 2.00 -18.93
N ILE A 59 6.13 1.50 -17.72
CA ILE A 59 5.23 0.56 -17.08
C ILE A 59 4.97 0.97 -15.63
N VAL A 60 3.70 0.93 -15.24
CA VAL A 60 3.30 1.24 -13.88
C VAL A 60 2.59 -0.03 -13.42
N SER A 61 3.02 -0.58 -12.29
CA SER A 61 2.44 -1.83 -11.81
C SER A 61 2.14 -1.93 -10.32
N ARG A 62 1.45 -2.99 -9.96
CA ARG A 62 1.12 -3.28 -8.57
C ARG A 62 1.55 -4.75 -8.40
N CYS A 63 2.35 -5.01 -7.37
CA CYS A 63 2.85 -6.36 -7.13
C CYS A 63 2.13 -7.12 -6.03
N GLN A 64 1.43 -6.39 -5.16
CA GLN A 64 0.71 -7.00 -4.05
C GLN A 64 -0.60 -6.23 -3.83
N GLY A 65 -1.68 -6.96 -3.62
CA GLY A 65 -2.98 -6.32 -3.42
C GLY A 65 -3.04 -5.65 -2.06
N GLY A 66 -2.63 -6.39 -1.04
CA GLY A 66 -2.63 -5.86 0.32
C GLY A 66 -3.99 -5.56 0.89
N ASN A 67 -4.29 -4.27 1.01
CA ASN A 67 -5.54 -3.78 1.57
C ASN A 67 -6.49 -3.26 0.49
N ASN A 68 -5.98 -3.10 -0.72
CA ASN A 68 -6.79 -2.58 -1.82
C ASN A 68 -7.40 -1.24 -1.42
N ALA A 69 -6.62 -0.45 -0.69
CA ALA A 69 -7.06 0.86 -0.24
C ALA A 69 -7.30 1.72 -1.48
N GLY A 70 -8.14 2.75 -1.35
CA GLY A 70 -8.43 3.60 -2.50
C GLY A 70 -7.41 4.69 -2.81
N HIS A 71 -7.42 5.14 -4.05
CA HIS A 71 -6.51 6.20 -4.47
C HIS A 71 -7.16 7.15 -5.47
N THR A 72 -7.18 8.44 -5.13
CA THR A 72 -7.77 9.47 -5.97
C THR A 72 -6.74 10.20 -6.81
N VAL A 73 -7.02 10.33 -8.11
CA VAL A 73 -6.14 11.02 -9.05
C VAL A 73 -6.95 12.02 -9.88
N VAL A 74 -6.39 13.22 -10.05
CA VAL A 74 -7.05 14.27 -10.81
C VAL A 74 -6.28 14.67 -12.07
N VAL A 75 -6.95 14.59 -13.23
CA VAL A 75 -6.32 14.96 -14.49
C VAL A 75 -7.30 15.73 -15.38
N ASP A 76 -6.81 16.81 -15.98
CA ASP A 76 -7.61 17.64 -16.89
C ASP A 76 -9.03 17.93 -16.42
N GLY A 77 -9.25 17.99 -15.11
CA GLY A 77 -10.57 18.27 -14.60
C GLY A 77 -11.45 17.07 -14.30
N LYS A 78 -10.84 15.90 -14.17
CA LYS A 78 -11.59 14.69 -13.86
C LYS A 78 -10.98 13.99 -12.67
N GLU A 79 -11.84 13.47 -11.78
CA GLU A 79 -11.35 12.78 -10.61
C GLU A 79 -11.58 11.29 -10.74
N TYR A 80 -10.50 10.51 -10.63
CA TYR A 80 -10.59 9.06 -10.75
C TYR A 80 -10.36 8.37 -9.41
N ASP A 81 -10.92 7.18 -9.26
CA ASP A 81 -10.78 6.43 -8.03
C ASP A 81 -10.29 5.03 -8.38
N PHE A 82 -9.05 4.72 -8.03
CA PHE A 82 -8.49 3.41 -8.32
C PHE A 82 -8.27 2.60 -7.05
N HIS A 83 -8.48 1.29 -7.14
CA HIS A 83 -8.30 0.40 -6.00
C HIS A 83 -7.38 -0.74 -6.42
N LEU A 84 -7.78 -1.47 -7.45
CA LEU A 84 -6.97 -2.57 -7.97
C LEU A 84 -6.11 -2.05 -9.13
N LEU A 85 -6.62 -1.04 -9.82
CA LEU A 85 -5.89 -0.46 -10.95
C LEU A 85 -4.77 0.47 -10.50
N PRO A 86 -3.58 0.30 -11.09
CA PRO A 86 -2.44 1.14 -10.74
C PRO A 86 -2.76 2.60 -11.09
N SER A 87 -2.27 3.54 -10.28
CA SER A 87 -2.53 4.95 -10.53
C SER A 87 -2.05 5.37 -11.92
N GLY A 88 -0.91 4.80 -12.33
CA GLY A 88 -0.36 5.14 -13.63
C GLY A 88 -1.22 4.80 -14.83
N ILE A 89 -2.38 4.19 -14.63
CA ILE A 89 -3.21 3.87 -15.76
C ILE A 89 -3.66 5.18 -16.42
N ILE A 90 -3.41 6.28 -15.71
CA ILE A 90 -3.75 7.61 -16.20
C ILE A 90 -2.91 7.96 -17.41
N ASN A 91 -1.67 7.50 -17.41
CA ASN A 91 -0.75 7.74 -18.52
C ASN A 91 -1.17 6.86 -19.69
N THR A 92 -1.64 7.48 -20.77
CA THR A 92 -2.06 6.72 -21.94
C THR A 92 -0.84 6.20 -22.70
N LYS A 93 0.34 6.68 -22.34
CA LYS A 93 1.58 6.29 -23.00
C LYS A 93 2.30 5.18 -22.24
N ALA A 94 1.71 4.71 -21.15
CA ALA A 94 2.33 3.66 -20.36
C ALA A 94 1.46 2.42 -20.27
N VAL A 95 2.08 1.32 -19.87
CA VAL A 95 1.37 0.06 -19.73
C VAL A 95 1.09 -0.16 -18.24
N SER A 96 -0.16 -0.49 -17.92
CA SER A 96 -0.54 -0.75 -16.54
C SER A 96 -0.51 -2.25 -16.34
N PHE A 97 0.16 -2.69 -15.27
CA PHE A 97 0.34 -4.11 -15.00
C PHE A 97 0.03 -4.56 -13.58
N ILE A 98 -0.81 -5.59 -13.47
CA ILE A 98 -1.18 -6.18 -12.17
C ILE A 98 -0.41 -7.48 -12.06
N GLY A 99 0.54 -7.52 -11.12
CA GLY A 99 1.36 -8.71 -10.94
C GLY A 99 0.65 -9.91 -10.36
N ASN A 100 1.36 -11.04 -10.34
CA ASN A 100 0.83 -12.30 -9.82
C ASN A 100 0.53 -12.28 -8.32
N GLY A 101 1.10 -11.31 -7.62
CA GLY A 101 0.90 -11.22 -6.18
C GLY A 101 -0.38 -10.54 -5.72
N VAL A 102 -1.13 -9.98 -6.67
CA VAL A 102 -2.37 -9.29 -6.37
C VAL A 102 -3.57 -10.22 -6.46
N VAL A 103 -4.43 -10.21 -5.45
CA VAL A 103 -5.63 -11.05 -5.49
C VAL A 103 -6.69 -10.18 -6.18
N ILE A 104 -7.43 -10.76 -7.11
CA ILE A 104 -8.42 -10.00 -7.86
C ILE A 104 -9.87 -10.46 -7.79
N HIS A 105 -10.77 -9.50 -7.58
CA HIS A 105 -12.19 -9.77 -7.55
C HIS A 105 -12.69 -9.24 -8.90
N LEU A 106 -13.07 -10.15 -9.81
CA LEU A 106 -13.55 -9.77 -11.14
C LEU A 106 -14.60 -8.65 -11.16
N PRO A 107 -15.76 -8.86 -10.53
CA PRO A 107 -16.75 -7.78 -10.55
C PRO A 107 -16.17 -6.45 -10.06
N GLY A 108 -15.53 -6.48 -8.89
CA GLY A 108 -14.94 -5.27 -8.36
C GLY A 108 -14.03 -4.59 -9.36
N LEU A 109 -13.27 -5.38 -10.11
CA LEU A 109 -12.36 -4.83 -11.12
C LEU A 109 -13.11 -4.11 -12.24
N PHE A 110 -14.02 -4.81 -12.90
CA PHE A 110 -14.78 -4.20 -13.98
C PHE A 110 -15.66 -3.08 -13.44
N GLU A 111 -16.16 -3.26 -12.21
CA GLU A 111 -16.98 -2.24 -11.58
C GLU A 111 -16.14 -0.98 -11.41
N GLU A 112 -14.84 -1.17 -11.12
CA GLU A 112 -13.91 -0.05 -10.94
C GLU A 112 -13.52 0.53 -12.30
N ALA A 113 -13.30 -0.35 -13.26
CA ALA A 113 -12.92 0.07 -14.60
C ALA A 113 -14.04 0.91 -15.21
N GLU A 114 -15.26 0.41 -15.10
CA GLU A 114 -16.43 1.09 -15.64
C GLU A 114 -16.69 2.46 -15.01
N LYS A 115 -16.58 2.54 -13.68
CA LYS A 115 -16.79 3.79 -12.96
C LYS A 115 -15.86 4.88 -13.47
N ASN A 116 -14.57 4.60 -13.52
CA ASN A 116 -13.59 5.58 -13.98
C ASN A 116 -13.71 5.89 -15.47
N GLU A 117 -14.09 4.87 -16.25
CA GLU A 117 -14.24 5.02 -17.68
C GLU A 117 -15.30 6.06 -18.01
N LYS A 118 -16.43 5.98 -17.32
CA LYS A 118 -17.54 6.90 -17.51
C LYS A 118 -17.22 8.28 -16.92
N LYS A 119 -15.96 8.49 -16.57
CA LYS A 119 -15.54 9.78 -16.01
C LYS A 119 -14.38 10.34 -16.81
N GLY A 120 -13.91 9.58 -17.80
CA GLY A 120 -12.81 10.04 -18.63
C GLY A 120 -11.86 8.94 -19.08
N LEU A 121 -11.58 7.99 -18.20
CA LEU A 121 -10.67 6.88 -18.53
C LEU A 121 -11.19 6.11 -19.75
N LYS A 122 -10.53 6.31 -20.88
CA LYS A 122 -10.93 5.67 -22.12
C LYS A 122 -9.80 4.79 -22.65
N ASP A 123 -10.16 3.69 -23.30
CA ASP A 123 -9.19 2.76 -23.86
C ASP A 123 -8.29 2.14 -22.80
N TRP A 124 -8.80 2.02 -21.57
CA TRP A 124 -8.01 1.43 -20.49
C TRP A 124 -7.76 -0.05 -20.80
N GLU A 125 -8.75 -0.73 -21.35
CA GLU A 125 -8.62 -2.13 -21.69
C GLU A 125 -7.53 -2.38 -22.73
N LYS A 126 -6.90 -1.31 -23.20
CA LYS A 126 -5.85 -1.43 -24.21
C LYS A 126 -4.47 -1.14 -23.62
N ARG A 127 -4.45 -0.62 -22.40
CA ARG A 127 -3.19 -0.31 -21.75
C ARG A 127 -3.02 -1.07 -20.42
N LEU A 128 -3.92 -2.04 -20.17
CA LEU A 128 -3.87 -2.84 -18.95
C LEU A 128 -3.48 -4.30 -19.19
N ILE A 129 -2.45 -4.76 -18.49
CA ILE A 129 -2.02 -6.15 -18.61
C ILE A 129 -2.18 -6.83 -17.25
N ILE A 130 -2.55 -8.11 -17.26
CA ILE A 130 -2.75 -8.85 -16.03
C ILE A 130 -2.07 -10.22 -16.04
N SER A 131 -1.20 -10.44 -15.07
CA SER A 131 -0.49 -11.71 -14.96
C SER A 131 -1.51 -12.81 -14.77
N ASP A 132 -1.37 -13.90 -15.51
CA ASP A 132 -2.32 -15.00 -15.41
C ASP A 132 -2.11 -15.84 -14.15
N ARG A 133 -1.09 -15.53 -13.37
CA ARG A 133 -0.84 -16.28 -12.15
C ARG A 133 -1.48 -15.62 -10.93
N ALA A 134 -2.19 -14.52 -11.16
CA ALA A 134 -2.88 -13.81 -10.08
C ALA A 134 -4.09 -14.61 -9.59
N HIS A 135 -4.23 -14.68 -8.28
CA HIS A 135 -5.33 -15.42 -7.68
C HIS A 135 -6.64 -14.65 -7.79
N LEU A 136 -7.74 -15.41 -7.77
CA LEU A 136 -9.07 -14.82 -7.89
C LEU A 136 -9.85 -14.78 -6.59
N VAL A 137 -10.39 -13.61 -6.29
CA VAL A 137 -11.22 -13.44 -5.11
C VAL A 137 -12.65 -13.69 -5.57
N PHE A 138 -13.21 -14.85 -5.22
CA PHE A 138 -14.57 -15.15 -5.61
C PHE A 138 -15.56 -14.46 -4.68
N ASP A 139 -16.85 -14.50 -5.04
CA ASP A 139 -17.87 -13.85 -4.22
C ASP A 139 -18.03 -14.44 -2.82
N PHE A 140 -17.93 -15.76 -2.68
CA PHE A 140 -18.05 -16.38 -1.37
C PHE A 140 -16.89 -16.04 -0.44
N HIS A 141 -15.74 -15.67 -1.02
CA HIS A 141 -14.60 -15.28 -0.21
C HIS A 141 -15.00 -14.04 0.56
N GLN A 142 -15.54 -13.05 -0.15
CA GLN A 142 -15.98 -11.81 0.46
C GLN A 142 -17.05 -12.09 1.51
N ALA A 143 -17.86 -13.10 1.26
CA ALA A 143 -18.93 -13.47 2.18
C ALA A 143 -18.36 -14.11 3.45
N VAL A 144 -17.45 -15.06 3.27
CA VAL A 144 -16.82 -15.72 4.40
C VAL A 144 -16.07 -14.69 5.23
N ASP A 145 -15.65 -13.62 4.58
CA ASP A 145 -14.91 -12.54 5.23
C ASP A 145 -15.88 -11.59 5.93
N GLY A 146 -17.07 -11.46 5.37
CA GLY A 146 -18.08 -10.58 5.94
C GLY A 146 -18.69 -11.13 7.22
N LEU A 147 -18.72 -12.46 7.34
CA LEU A 147 -19.28 -13.11 8.52
C LEU A 147 -18.23 -13.32 9.61
N GLN A 148 -17.01 -13.66 9.19
CA GLN A 148 -15.92 -13.89 10.14
C GLN A 148 -15.78 -12.69 11.06
N GLU A 149 -16.02 -11.50 10.50
CA GLU A 149 -15.93 -10.27 11.27
C GLU A 149 -17.15 -10.13 12.18
N VAL A 150 -18.29 -10.64 11.70
CA VAL A 150 -19.53 -10.59 12.47
C VAL A 150 -19.55 -11.83 13.36
N GLN A 151 -18.43 -12.07 14.04
CA GLN A 151 -18.27 -13.22 14.92
C GLN A 151 -17.00 -13.02 15.73
N ARG A 152 -15.94 -12.63 15.02
CA ARG A 152 -14.64 -12.41 15.63
C ARG A 152 -14.67 -11.16 16.52
N GLN A 153 -15.36 -10.11 16.04
CA GLN A 153 -15.42 -8.86 16.79
C GLN A 153 -16.78 -8.20 16.62
N ALA A 154 -17.86 -8.96 16.70
CA ALA A 154 -19.21 -8.43 16.56
C ALA A 154 -19.93 -8.46 17.91
N GLN A 155 -19.27 -9.05 18.90
CA GLN A 155 -19.83 -9.15 20.25
C GLN A 155 -18.72 -8.92 21.27
N GLU A 156 -18.21 -7.68 21.31
CA GLU A 156 -17.13 -7.29 22.22
C GLU A 156 -15.80 -7.94 21.85
N GLY A 157 -15.59 -8.17 20.55
CA GLY A 157 -14.36 -8.79 20.10
C GLY A 157 -13.32 -7.81 19.58
N LYS A 158 -12.08 -8.28 19.47
CA LYS A 158 -10.97 -7.47 18.99
C LYS A 158 -11.00 -7.34 17.47
N ASN A 159 -10.59 -6.17 16.97
CA ASN A 159 -10.55 -5.90 15.54
C ASN A 159 -9.19 -6.33 14.98
N ILE A 160 -9.06 -6.30 13.66
CA ILE A 160 -7.79 -6.67 13.01
C ILE A 160 -7.55 -5.87 11.74
N GLY A 161 -8.08 -6.34 10.61
CA GLY A 161 -7.88 -5.63 9.36
C GLY A 161 -9.19 -5.27 8.67
N THR A 162 -9.12 -5.03 7.36
CA THR A 162 -10.30 -4.68 6.58
C THR A 162 -11.23 -5.89 6.48
N THR A 163 -12.39 -5.69 5.88
CA THR A 163 -13.36 -6.77 5.73
C THR A 163 -14.22 -6.56 4.48
N LYS A 164 -15.15 -7.49 4.25
CA LYS A 164 -16.05 -7.44 3.11
C LYS A 164 -15.30 -7.45 1.77
N LYS A 165 -13.98 -7.55 1.82
CA LYS A 165 -13.17 -7.57 0.62
C LYS A 165 -12.77 -9.01 0.28
N GLY A 166 -12.74 -9.86 1.30
CA GLY A 166 -12.39 -11.25 1.09
C GLY A 166 -10.94 -11.46 0.72
N ILE A 167 -10.07 -10.54 1.10
CA ILE A 167 -8.65 -10.65 0.80
C ILE A 167 -8.07 -11.83 1.57
N GLY A 168 -8.15 -11.74 2.88
CA GLY A 168 -7.63 -12.81 3.73
C GLY A 168 -8.07 -14.18 3.26
N PRO A 169 -9.39 -14.41 3.15
CA PRO A 169 -9.91 -15.71 2.71
C PRO A 169 -9.30 -16.17 1.38
N THR A 170 -9.07 -15.24 0.45
CA THR A 170 -8.49 -15.58 -0.83
C THR A 170 -7.07 -16.09 -0.58
N TYR A 171 -6.31 -15.36 0.22
CA TYR A 171 -4.95 -15.75 0.55
C TYR A 171 -4.96 -17.10 1.27
N SER A 172 -5.98 -17.33 2.09
CA SER A 172 -6.06 -18.61 2.79
C SER A 172 -6.21 -19.73 1.77
N SER A 173 -7.07 -19.52 0.76
CA SER A 173 -7.27 -20.51 -0.29
C SER A 173 -5.99 -20.76 -1.07
N LYS A 174 -5.23 -19.68 -1.27
CA LYS A 174 -3.97 -19.76 -1.98
C LYS A 174 -3.04 -20.67 -1.18
N ALA A 175 -2.92 -20.39 0.10
CA ALA A 175 -2.06 -21.17 0.99
C ALA A 175 -2.44 -22.64 0.92
N ALA A 176 -3.74 -22.93 0.85
CA ALA A 176 -4.19 -24.31 0.80
C ALA A 176 -4.06 -24.94 -0.60
N ARG A 177 -3.66 -24.13 -1.59
CA ARG A 177 -3.53 -24.60 -2.97
C ARG A 177 -4.89 -25.08 -3.43
N THR A 178 -5.91 -24.39 -2.97
CA THR A 178 -7.27 -24.76 -3.29
C THR A 178 -7.92 -23.65 -4.13
N GLY A 179 -7.36 -22.46 -4.04
CA GLY A 179 -7.88 -21.33 -4.78
C GLY A 179 -7.67 -21.44 -6.28
N LEU A 180 -8.31 -20.54 -7.02
CA LEU A 180 -8.22 -20.55 -8.47
C LEU A 180 -7.61 -19.26 -8.99
N ARG A 181 -6.91 -19.37 -10.10
CA ARG A 181 -6.25 -18.22 -10.68
C ARG A 181 -6.82 -17.83 -12.03
N ILE A 182 -6.39 -16.67 -12.52
CA ILE A 182 -6.83 -16.16 -13.81
C ILE A 182 -6.60 -17.21 -14.91
N CYS A 183 -5.40 -17.76 -14.95
CA CYS A 183 -5.07 -18.77 -15.95
C CYS A 183 -6.07 -19.92 -15.92
N ASP A 184 -6.48 -20.35 -14.73
CA ASP A 184 -7.44 -21.44 -14.60
C ASP A 184 -8.80 -21.03 -15.19
N LEU A 185 -9.20 -19.79 -14.97
CA LEU A 185 -10.46 -19.28 -15.47
C LEU A 185 -10.47 -19.26 -17.01
N LEU A 186 -9.35 -18.86 -17.61
CA LEU A 186 -9.24 -18.77 -19.05
C LEU A 186 -8.96 -20.10 -19.75
N SER A 187 -8.70 -21.14 -18.96
CA SER A 187 -8.42 -22.46 -19.52
C SER A 187 -9.73 -23.20 -19.75
N ASP A 188 -9.68 -24.53 -19.73
CA ASP A 188 -10.89 -25.34 -19.92
C ASP A 188 -11.91 -25.00 -18.84
N PHE A 189 -12.98 -24.33 -19.24
CA PHE A 189 -14.01 -23.95 -18.28
C PHE A 189 -14.67 -25.11 -17.56
N ASP A 190 -14.60 -26.31 -18.15
CA ASP A 190 -15.17 -27.49 -17.52
C ASP A 190 -14.38 -27.85 -16.27
N GLU A 191 -13.06 -27.86 -16.39
CA GLU A 191 -12.21 -28.18 -15.26
C GLU A 191 -12.28 -27.06 -14.21
N PHE A 192 -12.53 -25.84 -14.67
CA PHE A 192 -12.64 -24.70 -13.77
C PHE A 192 -13.89 -24.82 -12.91
N SER A 193 -15.00 -25.13 -13.56
CA SER A 193 -16.28 -25.26 -12.87
C SER A 193 -16.22 -26.32 -11.78
N ALA A 194 -15.65 -27.47 -12.11
CA ALA A 194 -15.52 -28.56 -11.15
C ALA A 194 -14.71 -28.10 -9.94
N ARG A 195 -13.63 -27.35 -10.19
CA ARG A 195 -12.78 -26.85 -9.11
C ARG A 195 -13.47 -25.75 -8.30
N PHE A 196 -14.21 -24.87 -8.98
CA PHE A 196 -14.93 -23.80 -8.32
C PHE A 196 -15.96 -24.39 -7.36
N LYS A 197 -16.75 -25.33 -7.88
CA LYS A 197 -17.77 -26.00 -7.08
C LYS A 197 -17.14 -26.66 -5.86
N ASN A 198 -16.04 -27.39 -6.08
CA ASN A 198 -15.34 -28.06 -4.99
C ASN A 198 -14.96 -27.03 -3.94
N LEU A 199 -14.42 -25.91 -4.42
CA LEU A 199 -13.98 -24.83 -3.53
C LEU A 199 -15.14 -24.29 -2.71
N ALA A 200 -16.19 -23.84 -3.40
CA ALA A 200 -17.36 -23.30 -2.72
C ALA A 200 -17.95 -24.34 -1.75
N HIS A 201 -17.84 -25.61 -2.15
CA HIS A 201 -18.32 -26.71 -1.34
C HIS A 201 -17.59 -26.74 -0.01
N GLN A 202 -16.25 -26.75 -0.08
CA GLN A 202 -15.41 -26.78 1.11
C GLN A 202 -15.73 -25.60 2.03
N HIS A 203 -16.03 -24.45 1.44
CA HIS A 203 -16.35 -23.27 2.21
C HIS A 203 -17.68 -23.39 2.94
N GLN A 204 -18.65 -24.02 2.30
CA GLN A 204 -19.97 -24.20 2.90
C GLN A 204 -19.86 -25.24 4.01
N SER A 205 -18.80 -26.03 3.97
CA SER A 205 -18.57 -27.07 4.98
C SER A 205 -17.99 -26.39 6.22
N MET A 206 -16.95 -25.59 6.02
CA MET A 206 -16.30 -24.88 7.11
C MET A 206 -17.19 -23.74 7.63
N PHE A 207 -18.09 -23.28 6.77
CA PHE A 207 -19.02 -22.21 7.14
C PHE A 207 -20.44 -22.59 6.71
N PRO A 208 -21.23 -23.15 7.65
CA PRO A 208 -22.61 -23.58 7.41
C PRO A 208 -23.59 -22.44 7.11
N THR A 209 -23.31 -21.26 7.63
CA THR A 209 -24.18 -20.11 7.42
C THR A 209 -23.79 -19.31 6.17
N LEU A 210 -22.97 -19.92 5.32
CA LEU A 210 -22.51 -19.28 4.09
C LEU A 210 -23.43 -19.63 2.92
N GLU A 211 -23.93 -18.59 2.23
CA GLU A 211 -24.82 -18.79 1.09
C GLU A 211 -24.10 -18.55 -0.23
N ILE A 212 -24.10 -19.57 -1.09
CA ILE A 212 -23.42 -19.48 -2.38
C ILE A 212 -24.32 -19.84 -3.57
N ASP A 213 -24.52 -18.86 -4.44
CA ASP A 213 -25.33 -19.08 -5.65
C ASP A 213 -24.36 -19.66 -6.67
N VAL A 214 -24.02 -20.93 -6.49
CA VAL A 214 -23.08 -21.63 -7.36
C VAL A 214 -23.27 -21.37 -8.86
N GLU A 215 -24.32 -21.94 -9.45
CA GLU A 215 -24.56 -21.77 -10.88
C GLU A 215 -24.66 -20.30 -11.27
N GLY A 216 -25.14 -19.47 -10.35
CA GLY A 216 -25.27 -18.06 -10.64
C GLY A 216 -23.90 -17.41 -10.79
N GLN A 217 -23.02 -17.68 -9.83
CA GLN A 217 -21.66 -17.12 -9.86
C GLN A 217 -20.84 -17.73 -10.99
N LEU A 218 -20.90 -19.06 -11.12
CA LEU A 218 -20.15 -19.75 -12.15
C LEU A 218 -20.52 -19.20 -13.53
N LYS A 219 -21.78 -18.79 -13.67
CA LYS A 219 -22.25 -18.24 -14.94
C LYS A 219 -21.68 -16.85 -15.17
N ARG A 220 -21.72 -16.02 -14.12
CA ARG A 220 -21.20 -14.66 -14.21
C ARG A 220 -19.71 -14.66 -14.49
N LEU A 221 -19.01 -15.70 -14.04
CA LEU A 221 -17.57 -15.82 -14.24
C LEU A 221 -17.24 -16.12 -15.71
N LYS A 222 -17.89 -17.12 -16.29
CA LYS A 222 -17.65 -17.46 -17.69
C LYS A 222 -17.77 -16.20 -18.53
N GLY A 223 -18.67 -15.30 -18.11
CA GLY A 223 -18.85 -14.05 -18.82
C GLY A 223 -17.63 -13.18 -18.58
N PHE A 224 -17.11 -13.24 -17.35
CA PHE A 224 -15.93 -12.47 -16.97
C PHE A 224 -14.68 -12.97 -17.68
N ALA A 225 -14.56 -14.29 -17.81
CA ALA A 225 -13.43 -14.91 -18.46
C ALA A 225 -13.17 -14.31 -19.84
N GLU A 226 -14.21 -14.26 -20.67
CA GLU A 226 -14.08 -13.73 -22.03
C GLU A 226 -13.79 -12.24 -22.07
N ARG A 227 -14.35 -11.51 -21.12
CA ARG A 227 -14.16 -10.06 -21.06
C ARG A 227 -12.73 -9.72 -20.67
N ILE A 228 -12.12 -10.54 -19.81
CA ILE A 228 -10.77 -10.28 -19.36
C ILE A 228 -9.67 -10.94 -20.20
N ARG A 229 -10.00 -12.04 -20.88
CA ARG A 229 -9.01 -12.76 -21.70
C ARG A 229 -8.05 -11.95 -22.56
N PRO A 230 -8.54 -10.90 -23.25
CA PRO A 230 -7.62 -10.11 -24.07
C PRO A 230 -6.54 -9.33 -23.33
N MET A 231 -6.71 -9.16 -22.03
CA MET A 231 -5.73 -8.42 -21.23
C MET A 231 -4.79 -9.31 -20.44
N VAL A 232 -5.00 -10.62 -20.49
CA VAL A 232 -4.16 -11.54 -19.75
C VAL A 232 -2.93 -12.03 -20.52
N ARG A 233 -1.83 -12.16 -19.79
CA ARG A 233 -0.56 -12.62 -20.36
C ARG A 233 0.22 -13.35 -19.29
N ASP A 234 1.28 -14.04 -19.70
CA ASP A 234 2.13 -14.74 -18.75
C ASP A 234 2.90 -13.60 -18.12
N GLY A 235 2.60 -13.33 -16.84
CA GLY A 235 3.24 -12.22 -16.14
C GLY A 235 4.74 -12.30 -15.97
N VAL A 236 5.26 -13.51 -15.80
CA VAL A 236 6.69 -13.68 -15.62
C VAL A 236 7.43 -13.37 -16.91
N TYR A 237 6.94 -13.91 -18.02
CA TYR A 237 7.58 -13.65 -19.30
C TYR A 237 7.45 -12.19 -19.67
N PHE A 238 6.28 -11.61 -19.40
CA PHE A 238 6.05 -10.21 -19.72
C PHE A 238 7.03 -9.27 -19.04
N MET A 239 7.26 -9.46 -17.74
CA MET A 239 8.17 -8.59 -17.02
C MET A 239 9.64 -8.88 -17.36
N TYR A 240 9.97 -10.15 -17.60
CA TYR A 240 11.33 -10.51 -17.95
C TYR A 240 11.71 -9.80 -19.26
N GLU A 241 10.82 -9.87 -20.23
CA GLU A 241 11.03 -9.24 -21.54
C GLU A 241 11.24 -7.74 -21.37
N ALA A 242 10.33 -7.11 -20.66
CA ALA A 242 10.40 -5.67 -20.40
C ALA A 242 11.70 -5.27 -19.72
N LEU A 243 12.19 -6.10 -18.81
CA LEU A 243 13.41 -5.79 -18.10
C LEU A 243 14.70 -6.14 -18.86
N HIS A 244 14.61 -7.00 -19.87
CA HIS A 244 15.81 -7.35 -20.62
C HIS A 244 15.87 -6.90 -22.08
N GLY A 245 14.84 -6.18 -22.52
CA GLY A 245 14.84 -5.66 -23.88
C GLY A 245 15.49 -4.29 -23.83
N PRO A 246 15.10 -3.36 -24.69
CA PRO A 246 15.77 -2.06 -24.57
C PRO A 246 15.42 -1.39 -23.23
N PRO A 247 16.33 -0.59 -22.68
CA PRO A 247 16.06 0.08 -21.41
C PRO A 247 14.65 0.64 -21.26
N LYS A 248 13.97 0.26 -20.18
CA LYS A 248 12.62 0.73 -19.90
C LYS A 248 12.52 1.24 -18.48
N LYS A 249 11.45 2.00 -18.22
CA LYS A 249 11.22 2.55 -16.89
C LYS A 249 9.96 1.91 -16.30
N VAL A 250 10.18 1.03 -15.32
CA VAL A 250 9.11 0.33 -14.64
C VAL A 250 8.94 0.91 -13.24
N LEU A 251 7.71 1.20 -12.88
CA LEU A 251 7.40 1.76 -11.57
C LEU A 251 6.49 0.78 -10.84
N VAL A 252 6.83 0.48 -9.59
CA VAL A 252 6.02 -0.45 -8.80
C VAL A 252 5.45 0.32 -7.61
N GLU A 253 4.12 0.50 -7.58
CA GLU A 253 3.52 1.22 -6.47
C GLU A 253 3.17 0.25 -5.36
N GLY A 254 3.94 0.33 -4.28
CA GLY A 254 3.73 -0.55 -3.14
C GLY A 254 2.38 -0.35 -2.49
N ALA A 255 1.86 -1.43 -1.93
CA ALA A 255 0.58 -1.38 -1.25
C ALA A 255 0.80 -1.10 0.23
N ASN A 256 -0.11 -0.36 0.82
CA ASN A 256 -0.06 -0.04 2.25
C ASN A 256 1.31 0.40 2.76
N ALA A 257 1.81 -0.25 3.81
CA ALA A 257 3.11 0.15 4.35
C ALA A 257 3.78 -0.93 5.18
N ALA A 258 5.04 -0.68 5.49
CA ALA A 258 5.87 -1.61 6.25
C ALA A 258 5.23 -2.21 7.51
N LEU A 259 4.63 -1.38 8.35
CA LEU A 259 4.05 -1.89 9.58
C LEU A 259 2.70 -2.59 9.36
N LEU A 260 2.27 -2.67 8.11
CA LEU A 260 1.04 -3.35 7.78
C LEU A 260 1.43 -4.63 7.04
N ASP A 261 2.73 -4.93 7.01
CA ASP A 261 3.25 -6.11 6.35
C ASP A 261 2.89 -7.38 7.14
N ILE A 262 2.38 -8.38 6.42
CA ILE A 262 1.96 -9.64 7.04
C ILE A 262 3.04 -10.28 7.91
N ASP A 263 4.28 -10.29 7.43
CA ASP A 263 5.39 -10.86 8.19
C ASP A 263 6.04 -9.87 9.14
N PHE A 264 6.27 -8.64 8.66
CA PHE A 264 6.96 -7.63 9.43
C PHE A 264 6.17 -6.52 10.11
N GLY A 265 4.89 -6.40 9.80
CA GLY A 265 4.06 -5.37 10.42
C GLY A 265 3.69 -5.72 11.85
N THR A 266 2.89 -4.89 12.49
CA THR A 266 2.50 -5.14 13.87
C THR A 266 1.37 -6.18 13.96
N TYR A 267 1.72 -7.41 13.59
CA TYR A 267 0.80 -8.54 13.59
C TYR A 267 0.14 -8.58 14.96
N PRO A 268 -1.16 -8.91 15.02
CA PRO A 268 -2.06 -9.27 13.92
C PRO A 268 -2.72 -8.11 13.19
N PHE A 269 -2.37 -6.88 13.56
CA PHE A 269 -2.95 -5.71 12.92
C PHE A 269 -2.18 -5.38 11.65
N VAL A 270 -2.36 -6.22 10.63
CA VAL A 270 -1.70 -6.06 9.33
C VAL A 270 -2.55 -6.70 8.24
N THR A 271 -2.14 -6.49 6.99
CA THR A 271 -2.85 -7.07 5.85
C THR A 271 -2.32 -8.49 5.66
N SER A 272 -2.85 -9.19 4.67
CA SER A 272 -2.44 -10.57 4.41
C SER A 272 -1.32 -10.72 3.39
N SER A 273 -0.71 -9.62 2.97
CA SER A 273 0.37 -9.71 2.00
C SER A 273 1.59 -8.90 2.38
N ASN A 274 2.72 -9.25 1.80
CA ASN A 274 3.96 -8.52 2.07
C ASN A 274 3.82 -7.14 1.44
N CYS A 275 3.99 -6.11 2.25
CA CYS A 275 3.90 -4.73 1.79
C CYS A 275 5.29 -4.12 1.75
N THR A 276 6.31 -4.98 1.77
CA THR A 276 7.70 -4.54 1.75
C THR A 276 8.43 -4.90 0.44
N VAL A 277 9.71 -4.58 0.35
CA VAL A 277 10.46 -4.82 -0.89
C VAL A 277 10.48 -6.26 -1.40
N GLY A 278 10.56 -7.25 -0.51
CA GLY A 278 10.55 -8.64 -0.94
C GLY A 278 9.30 -8.95 -1.75
N GLY A 279 8.21 -8.27 -1.40
CA GLY A 279 6.92 -8.47 -2.08
C GLY A 279 6.98 -8.08 -3.54
N VAL A 280 7.95 -7.26 -3.90
CA VAL A 280 8.13 -6.86 -5.28
C VAL A 280 8.60 -8.09 -6.06
N CYS A 281 9.61 -8.77 -5.50
CA CYS A 281 10.14 -9.96 -6.14
C CYS A 281 9.10 -11.08 -6.26
N THR A 282 8.39 -11.37 -5.16
CA THR A 282 7.39 -12.44 -5.15
C THR A 282 6.09 -12.06 -5.84
N GLY A 283 5.82 -10.77 -5.94
CA GLY A 283 4.59 -10.33 -6.57
C GLY A 283 4.73 -10.14 -8.07
N LEU A 284 5.95 -9.96 -8.55
CA LEU A 284 6.19 -9.76 -9.98
C LEU A 284 7.02 -10.87 -10.60
N GLY A 285 7.70 -11.65 -9.77
CA GLY A 285 8.52 -12.71 -10.32
C GLY A 285 9.80 -12.20 -10.94
N ILE A 286 10.40 -11.18 -10.32
CA ILE A 286 11.66 -10.63 -10.82
C ILE A 286 12.71 -10.82 -9.72
N PRO A 287 13.98 -11.03 -10.12
CA PRO A 287 15.05 -11.22 -9.15
C PRO A 287 15.50 -9.93 -8.47
N PRO A 288 16.16 -10.05 -7.32
CA PRO A 288 16.63 -8.88 -6.60
C PRO A 288 17.49 -7.92 -7.42
N GLN A 289 18.32 -8.43 -8.32
CA GLN A 289 19.15 -7.51 -9.09
C GLN A 289 18.35 -6.61 -10.01
N ASN A 290 17.08 -6.93 -10.23
CA ASN A 290 16.25 -6.09 -11.09
C ASN A 290 15.47 -5.06 -10.28
N ILE A 291 15.87 -4.89 -9.02
CA ILE A 291 15.25 -3.89 -8.15
C ILE A 291 16.25 -2.74 -8.05
N GLY A 292 15.83 -1.55 -8.48
CA GLY A 292 16.73 -0.40 -8.41
C GLY A 292 16.40 0.53 -7.25
N ASP A 293 15.88 1.72 -7.54
CA ASP A 293 15.52 2.66 -6.49
C ASP A 293 14.31 2.18 -5.70
N VAL A 294 14.42 2.25 -4.38
CA VAL A 294 13.36 1.87 -3.46
C VAL A 294 13.14 3.10 -2.57
N TYR A 295 12.03 3.80 -2.78
CA TYR A 295 11.74 5.01 -2.00
C TYR A 295 10.84 4.78 -0.81
N GLY A 296 11.29 5.23 0.36
CA GLY A 296 10.50 5.10 1.58
C GLY A 296 9.70 6.37 1.79
N VAL A 297 8.38 6.25 1.82
CA VAL A 297 7.55 7.42 2.02
C VAL A 297 7.33 7.58 3.52
N VAL A 298 7.90 8.66 4.06
CA VAL A 298 7.83 8.95 5.49
C VAL A 298 7.05 10.22 5.81
N LYS A 299 5.95 10.08 6.53
CA LYS A 299 5.16 11.26 6.91
C LYS A 299 5.95 11.94 8.03
N ALA A 300 5.96 13.27 8.05
CA ALA A 300 6.69 14.04 9.06
C ALA A 300 6.26 13.74 10.50
N TYR A 301 5.15 13.03 10.65
CA TYR A 301 4.65 12.61 11.96
C TYR A 301 4.00 11.25 11.75
N THR A 302 3.60 10.58 12.82
CA THR A 302 3.01 9.24 12.69
C THR A 302 1.50 9.15 12.84
N THR A 303 0.88 8.34 12.00
CA THR A 303 -0.56 8.10 12.11
C THR A 303 -0.79 6.60 12.03
N ARG A 304 -1.92 6.17 12.57
CA ARG A 304 -2.29 4.76 12.56
C ARG A 304 -3.80 4.64 12.61
N VAL A 305 -4.32 3.60 11.96
CA VAL A 305 -5.75 3.34 11.91
C VAL A 305 -6.11 2.15 12.78
N GLY A 306 -7.08 2.34 13.67
CA GLY A 306 -7.51 1.23 14.51
C GLY A 306 -6.76 1.00 15.82
N ILE A 307 -7.18 -0.04 16.55
CA ILE A 307 -6.58 -0.35 17.84
C ILE A 307 -5.18 -0.95 17.62
N GLY A 308 -4.37 -0.93 18.67
CA GLY A 308 -3.02 -1.47 18.61
C GLY A 308 -2.03 -0.54 19.31
N ALA A 309 -0.86 -1.06 19.64
CA ALA A 309 0.15 -0.26 20.30
C ALA A 309 0.58 0.86 19.38
N PHE A 310 0.77 2.05 19.95
CA PHE A 310 1.18 3.25 19.21
C PHE A 310 2.05 4.03 20.17
N PRO A 311 3.33 3.66 20.29
CA PRO A 311 4.31 4.30 21.18
C PRO A 311 4.30 5.81 21.28
N THR A 312 4.32 6.52 20.15
CA THR A 312 4.35 7.97 20.20
C THR A 312 3.00 8.68 20.14
N GLU A 313 1.90 7.92 20.26
CA GLU A 313 0.56 8.52 20.18
C GLU A 313 0.40 9.71 21.11
N GLN A 314 -0.26 10.75 20.60
CA GLN A 314 -0.50 11.95 21.37
C GLN A 314 -1.99 12.21 21.54
N ILE A 315 -2.55 11.67 22.62
CA ILE A 315 -3.97 11.86 22.89
C ILE A 315 -4.09 13.14 23.71
N ASN A 316 -3.95 14.26 23.03
CA ASN A 316 -3.99 15.58 23.65
C ASN A 316 -4.15 16.62 22.55
N GLU A 317 -3.84 17.87 22.88
CA GLU A 317 -3.95 18.97 21.93
C GLU A 317 -3.00 18.86 20.73
N ILE A 318 -1.84 18.25 20.93
CA ILE A 318 -0.91 18.10 19.81
C ILE A 318 -1.51 17.16 18.78
N GLY A 319 -1.98 16.01 19.25
CA GLY A 319 -2.60 15.04 18.37
C GLY A 319 -3.83 15.57 17.65
N ASP A 320 -4.61 16.41 18.33
CA ASP A 320 -5.80 16.98 17.71
C ASP A 320 -5.32 17.88 16.57
N LEU A 321 -4.26 18.63 16.85
CA LEU A 321 -3.70 19.56 15.89
C LEU A 321 -3.14 18.85 14.66
N LEU A 322 -2.43 17.73 14.87
CA LEU A 322 -1.86 16.98 13.75
C LEU A 322 -3.02 16.34 13.00
N GLN A 323 -4.01 15.90 13.76
CA GLN A 323 -5.17 15.25 13.20
C GLN A 323 -5.95 16.20 12.30
N ASN A 324 -6.10 17.45 12.75
CA ASN A 324 -6.84 18.45 11.99
C ASN A 324 -6.07 19.04 10.81
N ARG A 325 -4.85 19.50 11.06
CA ARG A 325 -4.03 20.10 10.01
C ARG A 325 -3.66 19.10 8.94
N GLY A 326 -3.60 17.83 9.33
CA GLY A 326 -3.25 16.80 8.37
C GLY A 326 -4.47 16.11 7.78
N HIS A 327 -5.67 16.50 8.21
CA HIS A 327 -6.91 15.89 7.72
C HIS A 327 -6.80 14.37 7.83
N GLU A 328 -6.36 13.91 8.99
CA GLU A 328 -6.18 12.47 9.19
C GLU A 328 -7.45 11.74 9.58
N TRP A 329 -8.25 11.39 8.58
CA TRP A 329 -9.48 10.66 8.82
C TRP A 329 -9.82 9.85 7.58
N GLY A 330 -10.51 8.73 7.78
CA GLY A 330 -10.89 7.90 6.67
C GLY A 330 -11.67 8.67 5.63
N VAL A 331 -11.23 8.58 4.37
CA VAL A 331 -11.88 9.27 3.27
C VAL A 331 -13.37 8.97 3.16
N THR A 332 -13.74 7.71 3.39
CA THR A 332 -15.13 7.29 3.30
C THR A 332 -15.90 7.38 4.63
N THR A 333 -15.45 6.63 5.63
CA THR A 333 -16.08 6.59 6.94
C THR A 333 -15.92 7.86 7.79
N GLY A 334 -14.87 8.63 7.51
CA GLY A 334 -14.63 9.85 8.28
C GLY A 334 -14.03 9.56 9.66
N ARG A 335 -13.76 8.29 9.97
CA ARG A 335 -13.17 7.96 11.27
C ARG A 335 -11.79 8.59 11.40
N LYS A 336 -11.54 9.26 12.52
CA LYS A 336 -10.26 9.91 12.73
C LYS A 336 -9.14 8.89 12.94
N ARG A 337 -7.95 9.23 12.47
CA ARG A 337 -6.82 8.33 12.63
C ARG A 337 -6.02 8.78 13.85
N ARG A 338 -5.40 7.83 14.54
CA ARG A 338 -4.60 8.18 15.70
C ARG A 338 -3.34 8.92 15.24
N CYS A 339 -2.95 9.95 15.98
CA CYS A 339 -1.76 10.73 15.62
C CYS A 339 -0.71 10.77 16.72
N GLY A 340 0.53 10.80 16.32
CA GLY A 340 1.62 10.83 17.28
C GLY A 340 2.85 11.46 16.66
N TRP A 341 3.91 11.56 17.45
CA TRP A 341 5.16 12.15 16.98
C TRP A 341 5.87 11.19 16.03
N LEU A 342 6.78 11.74 15.23
CA LEU A 342 7.57 10.93 14.33
C LEU A 342 8.23 9.91 15.25
N ASP A 343 8.33 8.67 14.80
CA ASP A 343 8.92 7.60 15.61
C ASP A 343 10.04 6.94 14.81
N LEU A 344 11.28 7.26 15.15
CA LEU A 344 12.41 6.70 14.42
C LEU A 344 12.64 5.20 14.57
N MET A 345 12.09 4.60 15.62
CA MET A 345 12.26 3.16 15.79
C MET A 345 11.50 2.44 14.69
N ILE A 346 10.33 2.97 14.34
CA ILE A 346 9.51 2.39 13.28
C ILE A 346 10.25 2.59 11.96
N LEU A 347 10.75 3.80 11.76
CA LEU A 347 11.49 4.16 10.54
C LEU A 347 12.75 3.32 10.28
N ARG A 348 13.58 3.16 11.29
CA ARG A 348 14.80 2.37 11.12
C ARG A 348 14.41 0.93 10.83
N TYR A 349 13.42 0.42 11.54
CA TYR A 349 12.95 -0.96 11.34
C TYR A 349 12.55 -1.13 9.88
N ALA A 350 11.74 -0.20 9.39
CA ALA A 350 11.27 -0.25 8.01
C ALA A 350 12.44 -0.28 7.02
N HIS A 351 13.54 0.38 7.37
CA HIS A 351 14.69 0.44 6.50
C HIS A 351 15.48 -0.86 6.56
N MET A 352 15.56 -1.46 7.74
CA MET A 352 16.27 -2.72 7.88
C MET A 352 15.64 -3.70 6.89
N VAL A 353 14.31 -3.70 6.86
CA VAL A 353 13.56 -4.59 5.99
C VAL A 353 13.55 -4.18 4.51
N ASN A 354 13.39 -2.90 4.22
CA ASN A 354 13.31 -2.45 2.84
C ASN A 354 14.55 -1.93 2.14
N GLY A 355 15.57 -1.54 2.90
CA GLY A 355 16.76 -1.03 2.25
C GLY A 355 16.46 0.15 1.34
N PHE A 356 15.74 1.13 1.88
CA PHE A 356 15.40 2.33 1.13
C PHE A 356 16.67 2.96 0.59
N THR A 357 16.61 3.47 -0.64
CA THR A 357 17.79 4.10 -1.23
C THR A 357 17.63 5.62 -1.07
N ALA A 358 16.37 6.05 -0.89
CA ALA A 358 16.06 7.47 -0.71
C ALA A 358 14.71 7.62 0.00
N LEU A 359 14.48 8.78 0.59
CA LEU A 359 13.23 9.04 1.30
C LEU A 359 12.38 10.16 0.71
N ALA A 360 11.08 10.09 1.01
CA ALA A 360 10.13 11.12 0.61
C ALA A 360 9.47 11.54 1.91
N LEU A 361 9.93 12.65 2.48
CA LEU A 361 9.39 13.16 3.73
C LEU A 361 8.21 14.04 3.40
N THR A 362 7.01 13.59 3.78
CA THR A 362 5.77 14.30 3.47
C THR A 362 5.09 14.98 4.63
N LYS A 363 4.22 15.94 4.28
CA LYS A 363 3.44 16.67 5.26
C LYS A 363 4.26 17.53 6.24
N LEU A 364 5.43 17.94 5.80
CA LEU A 364 6.28 18.77 6.64
C LEU A 364 5.48 20.02 7.03
N ASP A 365 4.65 20.49 6.10
CA ASP A 365 3.85 21.69 6.31
C ASP A 365 2.88 21.58 7.48
N ILE A 366 2.45 20.37 7.80
CA ILE A 366 1.54 20.23 8.95
C ILE A 366 2.20 20.78 10.22
N LEU A 367 3.53 20.69 10.28
CA LEU A 367 4.28 21.14 11.46
C LEU A 367 4.66 22.61 11.46
N ASP A 368 4.32 23.32 10.37
CA ASP A 368 4.64 24.75 10.25
C ASP A 368 4.24 25.58 11.47
N VAL A 369 3.21 25.14 12.17
CA VAL A 369 2.65 25.84 13.32
C VAL A 369 3.22 25.60 14.72
N LEU A 370 3.98 24.53 14.91
CA LEU A 370 4.52 24.21 16.23
C LEU A 370 5.79 24.97 16.65
N SER A 371 5.92 25.22 17.95
CA SER A 371 7.07 25.91 18.50
C SER A 371 8.20 24.92 18.73
N GLU A 372 7.83 23.71 19.15
CA GLU A 372 8.82 22.65 19.32
C GLU A 372 8.17 21.37 18.88
N ILE A 373 8.97 20.50 18.27
CA ILE A 373 8.51 19.22 17.76
C ILE A 373 9.30 18.10 18.42
N LYS A 374 8.59 17.05 18.82
CA LYS A 374 9.24 15.92 19.43
C LYS A 374 9.38 14.80 18.42
N VAL A 375 10.45 14.03 18.56
CA VAL A 375 10.73 12.91 17.69
C VAL A 375 11.21 11.76 18.55
N GLY A 376 10.50 10.64 18.53
CA GLY A 376 10.92 9.49 19.29
C GLY A 376 12.18 8.92 18.68
N ILE A 377 13.24 8.77 19.48
CA ILE A 377 14.50 8.26 18.95
C ILE A 377 14.85 6.84 19.34
N SER A 378 14.26 6.33 20.43
CA SER A 378 14.53 4.95 20.85
C SER A 378 13.47 4.46 21.84
N TYR A 379 13.45 3.15 22.08
CA TYR A 379 12.49 2.57 23.01
C TYR A 379 13.24 2.01 24.21
N LYS A 380 12.65 2.19 25.39
CA LYS A 380 13.25 1.66 26.61
C LYS A 380 12.29 0.58 27.05
N LEU A 381 12.82 -0.50 27.59
CA LEU A 381 11.99 -1.60 28.06
C LEU A 381 12.44 -1.98 29.46
N ASN A 382 11.54 -1.84 30.43
CA ASN A 382 11.87 -2.16 31.81
C ASN A 382 13.15 -1.44 32.19
N GLY A 383 13.22 -0.16 31.82
CA GLY A 383 14.38 0.66 32.13
C GLY A 383 15.51 0.65 31.12
N LYS A 384 15.70 -0.45 30.40
CA LYS A 384 16.79 -0.54 29.44
C LYS A 384 16.43 -0.24 27.99
N ARG A 385 17.37 0.37 27.27
CA ARG A 385 17.18 0.73 25.88
C ARG A 385 17.35 -0.48 24.96
N ILE A 386 16.31 -0.80 24.19
CA ILE A 386 16.37 -1.93 23.28
C ILE A 386 16.64 -1.40 21.87
N PRO A 387 17.51 -2.08 21.11
CA PRO A 387 17.88 -1.68 19.76
C PRO A 387 17.01 -2.21 18.61
N TYR A 388 15.90 -2.87 18.93
CA TYR A 388 15.05 -3.42 17.90
C TYR A 388 13.59 -3.01 18.08
N PHE A 389 12.80 -3.18 17.02
CA PHE A 389 11.38 -2.87 17.06
C PHE A 389 10.65 -4.16 17.48
N PRO A 390 10.02 -4.15 18.66
CA PRO A 390 9.29 -5.31 19.18
C PRO A 390 8.24 -5.93 18.24
N ALA A 391 8.29 -7.26 18.11
CA ALA A 391 7.35 -8.01 17.27
C ALA A 391 5.96 -8.17 17.86
N ASN A 392 5.89 -8.52 19.14
CA ASN A 392 4.61 -8.73 19.82
C ASN A 392 3.96 -7.44 20.32
N GLN A 393 2.63 -7.40 20.25
CA GLN A 393 1.84 -6.25 20.68
C GLN A 393 2.01 -5.93 22.17
N GLU A 394 1.82 -6.93 23.01
CA GLU A 394 1.95 -6.74 24.46
C GLU A 394 3.25 -6.03 24.81
N ILE A 395 4.35 -6.42 24.19
CA ILE A 395 5.64 -5.80 24.45
C ILE A 395 5.69 -4.38 23.90
N LEU A 396 5.28 -4.24 22.64
CA LEU A 396 5.27 -2.94 21.98
C LEU A 396 4.42 -1.93 22.74
N GLN A 397 3.39 -2.43 23.42
CA GLN A 397 2.52 -1.56 24.20
C GLN A 397 3.21 -1.11 25.48
N LYS A 398 4.23 -1.84 25.92
CA LYS A 398 4.94 -1.50 27.16
C LYS A 398 6.18 -0.62 27.00
N VAL A 399 6.67 -0.43 25.77
CA VAL A 399 7.87 0.38 25.60
C VAL A 399 7.70 1.81 26.06
N GLU A 400 8.80 2.38 26.52
CA GLU A 400 8.86 3.75 26.98
C GLU A 400 9.62 4.50 25.90
N VAL A 401 9.04 5.55 25.37
CA VAL A 401 9.70 6.30 24.30
C VAL A 401 10.66 7.37 24.79
N GLU A 402 11.81 7.44 24.14
CA GLU A 402 12.80 8.45 24.47
C GLU A 402 12.70 9.47 23.35
N TYR A 403 12.39 10.71 23.72
CA TYR A 403 12.24 11.77 22.75
C TYR A 403 13.41 12.72 22.65
N GLU A 404 13.43 13.44 21.55
CA GLU A 404 14.43 14.44 21.25
C GLU A 404 13.62 15.64 20.84
N THR A 405 13.57 16.68 21.68
CA THR A 405 12.79 17.85 21.35
C THR A 405 13.54 18.78 20.42
N LEU A 406 12.89 19.16 19.33
CA LEU A 406 13.50 20.03 18.34
C LEU A 406 12.70 21.33 18.21
N PRO A 407 13.40 22.44 17.95
CA PRO A 407 12.69 23.71 17.80
C PRO A 407 11.96 23.71 16.47
N GLY A 408 10.78 24.33 16.42
CA GLY A 408 10.02 24.40 15.18
C GLY A 408 10.40 25.62 14.38
N TRP A 409 9.95 25.70 13.13
CA TRP A 409 10.28 26.86 12.32
C TRP A 409 9.23 27.96 12.41
N LYS A 410 8.03 27.60 12.87
CA LYS A 410 6.93 28.55 13.04
C LYS A 410 6.81 29.43 11.82
N ALA A 411 6.69 28.82 10.66
CA ALA A 411 6.55 29.58 9.42
C ALA A 411 5.85 28.73 8.38
N ASP A 412 5.22 29.40 7.44
CA ASP A 412 4.47 28.74 6.37
C ASP A 412 5.43 28.24 5.29
N THR A 413 5.48 26.93 5.08
CA THR A 413 6.37 26.38 4.06
C THR A 413 5.61 25.93 2.81
N THR A 414 4.28 26.05 2.82
CA THR A 414 3.49 25.62 1.67
C THR A 414 3.94 26.18 0.34
N GLY A 415 4.58 27.35 0.37
CA GLY A 415 5.06 27.95 -0.88
C GLY A 415 6.46 27.55 -1.30
N ALA A 416 7.22 26.91 -0.41
CA ALA A 416 8.59 26.52 -0.74
C ALA A 416 8.64 25.62 -1.98
N ARG A 417 9.66 25.80 -2.81
CA ARG A 417 9.82 25.02 -4.02
C ARG A 417 11.26 24.56 -4.23
N LYS A 418 12.11 24.85 -3.24
CA LYS A 418 13.51 24.46 -3.28
C LYS A 418 14.06 24.46 -1.87
N TRP A 419 15.17 23.74 -1.67
CA TRP A 419 15.82 23.63 -0.36
C TRP A 419 16.09 24.98 0.30
N GLU A 420 16.54 25.94 -0.50
CA GLU A 420 16.84 27.27 0.03
C GLU A 420 15.63 28.01 0.57
N ASP A 421 14.44 27.62 0.12
CA ASP A 421 13.22 28.27 0.58
C ASP A 421 12.85 27.83 1.99
N LEU A 422 13.16 26.59 2.33
CA LEU A 422 12.83 26.11 3.66
C LEU A 422 13.62 26.87 4.74
N PRO A 423 12.97 27.17 5.87
CA PRO A 423 13.62 27.90 6.97
C PRO A 423 14.60 26.98 7.69
N PRO A 424 15.60 27.55 8.39
CA PRO A 424 16.61 26.78 9.12
C PRO A 424 16.16 25.64 10.01
N GLN A 425 15.10 25.83 10.78
CA GLN A 425 14.65 24.76 11.67
C GLN A 425 13.97 23.64 10.88
N ALA A 426 13.46 23.98 9.70
CA ALA A 426 12.79 22.99 8.88
C ALA A 426 13.84 22.16 8.16
N GLN A 427 14.93 22.81 7.75
CA GLN A 427 16.01 22.12 7.08
C GLN A 427 16.61 21.14 8.07
N SER A 428 16.71 21.58 9.32
CA SER A 428 17.26 20.74 10.36
C SER A 428 16.36 19.55 10.62
N TYR A 429 15.05 19.74 10.52
CA TYR A 429 14.12 18.65 10.75
C TYR A 429 14.37 17.57 9.70
N VAL A 430 14.60 18.00 8.47
CA VAL A 430 14.86 17.06 7.38
C VAL A 430 16.16 16.32 7.64
N ARG A 431 17.22 17.07 7.99
CA ARG A 431 18.51 16.44 8.25
C ARG A 431 18.39 15.44 9.40
N PHE A 432 17.60 15.81 10.41
CA PHE A 432 17.43 14.93 11.55
C PHE A 432 16.92 13.56 11.11
N VAL A 433 15.98 13.57 10.16
CA VAL A 433 15.41 12.33 9.65
C VAL A 433 16.46 11.55 8.86
N GLU A 434 17.16 12.23 7.95
CA GLU A 434 18.20 11.59 7.15
C GLU A 434 19.27 10.94 8.03
N ASN A 435 19.85 11.76 8.90
CA ASN A 435 20.91 11.29 9.79
C ASN A 435 20.56 10.06 10.64
N HIS A 436 19.43 10.11 11.34
CA HIS A 436 19.05 8.99 12.19
C HIS A 436 18.54 7.76 11.44
N MET A 437 18.24 7.92 10.16
CA MET A 437 17.76 6.78 9.36
C MET A 437 18.89 6.29 8.46
N GLY A 438 19.87 7.16 8.22
CA GLY A 438 20.97 6.79 7.37
C GLY A 438 20.53 6.75 5.91
N VAL A 439 19.41 7.40 5.61
CA VAL A 439 18.90 7.43 4.24
C VAL A 439 18.59 8.85 3.84
N ALA A 440 19.18 9.28 2.73
CA ALA A 440 18.99 10.64 2.22
C ALA A 440 17.54 10.93 1.86
N VAL A 441 17.12 12.18 2.05
CA VAL A 441 15.77 12.58 1.70
C VAL A 441 15.84 13.18 0.30
N LYS A 442 15.09 12.60 -0.63
CA LYS A 442 15.09 13.06 -2.01
C LYS A 442 13.95 14.04 -2.30
N TRP A 443 12.85 13.89 -1.57
CA TRP A 443 11.68 14.77 -1.74
C TRP A 443 11.17 15.24 -0.38
N VAL A 444 10.69 16.49 -0.34
CA VAL A 444 10.12 17.08 0.86
C VAL A 444 8.74 17.59 0.43
N GLY A 445 7.69 17.03 1.04
CA GLY A 445 6.34 17.45 0.69
C GLY A 445 5.84 18.59 1.55
N VAL A 446 5.42 19.69 0.92
CA VAL A 446 4.90 20.83 1.65
C VAL A 446 3.46 21.19 1.25
N GLY A 447 2.71 20.20 0.78
CA GLY A 447 1.34 20.46 0.39
C GLY A 447 0.70 19.35 -0.42
N LYS A 448 -0.57 19.52 -0.79
CA LYS A 448 -1.29 18.53 -1.57
C LYS A 448 -0.96 18.57 -3.07
N SER A 449 -0.87 19.77 -3.64
CA SER A 449 -0.58 19.90 -5.07
C SER A 449 0.76 19.27 -5.41
N ARG A 450 0.86 18.69 -6.60
CA ARG A 450 2.11 18.07 -7.00
C ARG A 450 3.26 19.08 -7.02
N GLU A 451 2.94 20.36 -7.15
CA GLU A 451 3.96 21.40 -7.14
C GLU A 451 4.57 21.57 -5.75
N SER A 452 3.79 21.23 -4.73
CA SER A 452 4.23 21.36 -3.34
C SER A 452 5.19 20.26 -2.94
N MET A 453 6.13 19.94 -3.82
CA MET A 453 7.11 18.91 -3.55
C MET A 453 8.47 19.46 -3.87
N ILE A 454 9.41 19.32 -2.96
CA ILE A 454 10.75 19.81 -3.19
C ILE A 454 11.67 18.61 -3.39
N GLN A 455 12.43 18.63 -4.49
CA GLN A 455 13.38 17.56 -4.78
C GLN A 455 14.75 18.06 -4.37
N LEU A 456 15.37 17.37 -3.42
CA LEU A 456 16.68 17.79 -2.93
C LEU A 456 17.87 17.35 -3.77
N PHE A 457 17.68 16.37 -4.65
CA PHE A 457 18.79 15.90 -5.47
C PHE A 457 18.36 14.93 -6.56
PG GTP B . -2.73 4.72 1.58
O1G GTP B . -1.87 3.85 2.50
O2G GTP B . -2.56 4.36 0.12
O3G GTP B . -4.19 4.75 1.99
O3B GTP B . -2.19 6.25 1.79
PB GTP B . -1.47 7.16 0.64
O1B GTP B . 0.00 6.79 0.74
O2B GTP B . -2.12 6.67 -0.64
O3A GTP B . -1.53 8.78 0.59
PA GTP B . -2.17 9.71 -0.60
O1A GTP B . -1.11 10.59 -1.15
O2A GTP B . -2.98 8.89 -1.52
O5' GTP B . -3.18 10.64 0.21
C5' GTP B . -2.90 11.08 1.53
C4' GTP B . -3.31 12.52 1.69
O4' GTP B . -2.19 13.31 2.14
C3' GTP B . -3.83 13.17 0.41
O3' GTP B . -5.07 13.83 0.63
C2' GTP B . -2.69 14.10 0.00
O2' GTP B . -3.12 15.23 -0.71
C1' GTP B . -2.11 14.49 1.36
N9 GTP B . -0.71 14.88 1.28
C8 GTP B . 0.32 14.17 0.71
N7 GTP B . 1.47 14.77 0.80
C5 GTP B . 1.19 15.94 1.48
C6 GTP B . 2.05 17.00 1.89
O6 GTP B . 3.26 17.11 1.72
N1 GTP B . 1.35 17.99 2.56
C2 GTP B . 0.01 17.99 2.81
N2 GTP B . -0.49 19.05 3.49
N3 GTP B . -0.81 17.01 2.44
C4 GTP B . -0.15 16.03 1.78
#